data_2PCQ
#
_entry.id   2PCQ
#
_cell.length_a   159.732
_cell.length_b   159.732
_cell.length_c   72.496
_cell.angle_alpha   90.00
_cell.angle_beta   90.00
_cell.angle_gamma   120.00
#
_symmetry.space_group_name_H-M   'P 62 2 2'
#
loop_
_entity.id
_entity.type
_entity.pdbx_description
1 polymer 'Putative dihydrodipicolinate synthase'
2 non-polymer 'POTASSIUM ION'
3 non-polymer GLYCEROL
4 water water
#
_entity_poly.entity_id   1
_entity_poly.type   'polypeptide(L)'
_entity_poly.pdbx_seq_one_letter_code
;(MSE)ILPPIPTPFDREGRLDEEAFRELAQALEPLVDGLLVYGSNGEGVHLTPEERARGLRALRPRKPFLVGL(MSE)EE
TLPQAEGALLEAKAAGA(MSE)ALLATPPRYYHGSLGAGLLRYYEALAEK(MSE)PLFLYHVPQNTKVDLPLEAVEALAP
HPNVLGIKDSSGDLSRIAFYQARLQEFRVYTGHAPTFLGALALGAEGGILAAANLAPRAYRALLDHFREGRLAEAQELQK
KLFPLGDLLAKGGVPLLKQALRHLGLPAGYPRPPYPAESPLWERFLPVLEGLKEEGWVL
;
_entity_poly.pdbx_strand_id   A
#
loop_
_chem_comp.id
_chem_comp.type
_chem_comp.name
_chem_comp.formula
GOL non-polymer GLYCEROL 'C3 H8 O3'
K non-polymer 'POTASSIUM ION' 'K 1'
#
# COMPACT_ATOMS: atom_id res chain seq x y z
N MSE A 1 -6.11 1.44 -11.35
CA MSE A 1 -4.69 1.00 -11.54
C MSE A 1 -4.29 -0.04 -10.52
O MSE A 1 -5.03 -0.32 -9.57
CB MSE A 1 -3.75 2.20 -11.43
CG MSE A 1 -4.09 3.32 -12.37
SE MSE A 1 -2.71 4.66 -12.29
CE MSE A 1 -3.36 5.62 -10.72
N ILE A 2 -3.10 -0.60 -10.72
CA ILE A 2 -2.54 -1.60 -9.82
C ILE A 2 -1.18 -1.09 -9.37
N LEU A 3 -1.03 -0.87 -8.08
CA LEU A 3 0.23 -0.39 -7.53
C LEU A 3 0.66 -1.27 -6.36
N PRO A 4 1.95 -1.60 -6.29
CA PRO A 4 2.36 -2.43 -5.16
C PRO A 4 3.04 -1.60 -4.08
N PRO A 5 2.82 -1.96 -2.80
CA PRO A 5 3.46 -1.24 -1.71
C PRO A 5 4.80 -1.96 -1.56
N ILE A 6 5.85 -1.44 -2.21
CA ILE A 6 7.14 -2.11 -2.13
C ILE A 6 7.77 -2.07 -0.75
N PRO A 7 8.36 -3.20 -0.33
CA PRO A 7 8.99 -3.24 0.99
C PRO A 7 10.29 -2.46 0.96
N THR A 8 10.78 -2.09 2.15
CA THR A 8 12.03 -1.36 2.27
C THR A 8 13.05 -2.36 2.81
N PRO A 9 14.05 -2.71 2.00
CA PRO A 9 15.10 -3.66 2.36
C PRO A 9 16.06 -3.26 3.48
N PHE A 10 16.32 -4.22 4.38
CA PHE A 10 17.26 -4.07 5.48
C PHE A 10 18.08 -5.36 5.39
N ASP A 11 19.35 -5.33 5.78
CA ASP A 11 20.12 -6.57 5.76
C ASP A 11 19.70 -7.29 7.04
N ARG A 12 20.28 -8.46 7.32
CA ARG A 12 19.93 -9.21 8.51
C ARG A 12 20.16 -8.47 9.83
N GLU A 13 21.11 -7.54 9.83
CA GLU A 13 21.40 -6.77 11.04
C GLU A 13 20.48 -5.56 11.21
N GLY A 14 19.64 -5.29 10.22
CA GLY A 14 18.72 -4.18 10.32
C GLY A 14 19.20 -2.89 9.67
N ARG A 15 20.28 -2.96 8.90
CA ARG A 15 20.79 -1.77 8.23
C ARG A 15 20.02 -1.52 6.94
N LEU A 16 19.61 -0.27 6.73
CA LEU A 16 18.89 0.09 5.52
C LEU A 16 19.80 -0.22 4.32
N ASP A 17 19.25 -0.88 3.32
CA ASP A 17 20.04 -1.21 2.12
C ASP A 17 19.53 -0.40 0.94
N GLU A 18 20.12 0.78 0.75
CA GLU A 18 19.72 1.68 -0.33
C GLU A 18 19.84 1.06 -1.72
N GLU A 19 20.95 0.37 -1.97
CA GLU A 19 21.17 -0.27 -3.26
C GLU A 19 20.06 -1.27 -3.56
N ALA A 20 19.75 -2.10 -2.57
CA ALA A 20 18.70 -3.11 -2.74
C ALA A 20 17.35 -2.45 -2.98
N PHE A 21 17.10 -1.36 -2.26
CA PHE A 21 15.84 -0.62 -2.38
C PHE A 21 15.64 -0.16 -3.83
N ARG A 22 16.69 0.43 -4.39
CA ARG A 22 16.65 0.93 -5.77
C ARG A 22 16.47 -0.20 -6.79
N GLU A 23 17.19 -1.29 -6.59
CA GLU A 23 17.09 -2.43 -7.50
C GLU A 23 15.71 -3.06 -7.46
N LEU A 24 15.15 -3.16 -6.26
CA LEU A 24 13.84 -3.76 -6.08
C LEU A 24 12.79 -2.93 -6.80
N ALA A 25 12.84 -1.61 -6.63
CA ALA A 25 11.88 -0.72 -7.27
C ALA A 25 11.95 -0.83 -8.79
N GLN A 26 13.16 -0.92 -9.32
CA GLN A 26 13.37 -1.01 -10.77
C GLN A 26 12.89 -2.34 -11.35
N ALA A 27 12.91 -3.39 -10.53
CA ALA A 27 12.49 -4.71 -10.97
C ALA A 27 10.97 -4.87 -10.98
N LEU A 28 10.27 -4.05 -10.20
CA LEU A 28 8.82 -4.16 -10.13
C LEU A 28 8.05 -3.10 -10.91
N GLU A 29 8.55 -1.88 -10.91
CA GLU A 29 7.86 -0.77 -11.58
C GLU A 29 7.36 -1.02 -13.01
N PRO A 30 8.15 -1.72 -13.83
CA PRO A 30 7.71 -1.97 -15.22
C PRO A 30 6.44 -2.82 -15.31
N LEU A 31 6.22 -3.65 -14.30
CA LEU A 31 5.07 -4.54 -14.26
C LEU A 31 3.78 -3.92 -13.71
N VAL A 32 3.89 -2.71 -13.18
CA VAL A 32 2.73 -2.03 -12.59
C VAL A 32 2.53 -0.59 -13.08
N ASP A 33 1.41 0.00 -12.68
CA ASP A 33 1.09 1.37 -13.08
C ASP A 33 1.89 2.42 -12.31
N GLY A 34 2.39 2.03 -11.15
CA GLY A 34 3.16 2.95 -10.34
C GLY A 34 3.54 2.27 -9.04
N LEU A 35 4.32 2.96 -8.21
CA LEU A 35 4.75 2.38 -6.95
C LEU A 35 4.28 3.19 -5.75
N LEU A 36 4.11 2.51 -4.62
CA LEU A 36 3.77 3.17 -3.37
C LEU A 36 4.99 2.94 -2.50
N VAL A 37 5.71 4.01 -2.20
CA VAL A 37 6.90 3.92 -1.36
C VAL A 37 6.50 4.23 0.09
N TYR A 38 6.97 3.43 1.02
CA TYR A 38 6.67 3.59 2.44
C TYR A 38 5.18 3.41 2.75
N GLY A 39 4.58 2.40 2.11
CA GLY A 39 3.18 2.09 2.37
C GLY A 39 3.18 1.29 3.67
N SER A 40 2.03 0.73 4.06
CA SER A 40 1.97 -0.03 5.30
C SER A 40 2.89 -1.25 5.30
N ASN A 41 3.18 -1.79 4.12
CA ASN A 41 4.07 -2.95 4.01
C ASN A 41 5.53 -2.51 3.80
N GLY A 42 5.74 -1.19 3.76
CA GLY A 42 7.07 -0.65 3.53
C GLY A 42 7.94 -0.32 4.74
N GLU A 43 7.47 -0.62 5.94
CA GLU A 43 8.20 -0.35 7.17
C GLU A 43 8.69 1.09 7.34
N GLY A 44 7.89 2.03 6.87
CA GLY A 44 8.27 3.42 7.00
C GLY A 44 8.46 3.82 8.46
N VAL A 45 7.60 3.31 9.35
CA VAL A 45 7.71 3.64 10.77
C VAL A 45 8.91 2.97 11.44
N HIS A 46 9.61 2.11 10.71
CA HIS A 46 10.80 1.45 11.24
C HIS A 46 12.06 2.24 10.92
N LEU A 47 11.88 3.40 10.28
CA LEU A 47 13.01 4.24 9.90
C LEU A 47 13.03 5.56 10.67
N THR A 48 14.24 6.07 10.90
CA THR A 48 14.38 7.36 11.56
C THR A 48 14.19 8.38 10.45
N PRO A 49 13.92 9.64 10.79
CA PRO A 49 13.72 10.66 9.76
C PRO A 49 14.87 10.72 8.76
N GLU A 50 16.09 10.49 9.25
CA GLU A 50 17.28 10.52 8.43
C GLU A 50 17.27 9.37 7.42
N GLU A 51 16.98 8.16 7.90
CA GLU A 51 16.92 6.99 7.03
C GLU A 51 15.78 7.14 6.03
N ARG A 52 14.66 7.70 6.50
CA ARG A 52 13.48 7.92 5.66
C ARG A 52 13.86 8.77 4.44
N ALA A 53 14.56 9.87 4.68
CA ALA A 53 14.98 10.77 3.61
C ALA A 53 16.02 10.10 2.71
N ARG A 54 16.94 9.38 3.33
CA ARG A 54 18.00 8.69 2.60
C ARG A 54 17.41 7.62 1.68
N GLY A 55 16.48 6.84 2.21
CA GLY A 55 15.86 5.79 1.42
C GLY A 55 15.17 6.29 0.18
N LEU A 56 14.42 7.38 0.30
CA LEU A 56 13.69 7.95 -0.83
C LEU A 56 14.64 8.55 -1.87
N ARG A 57 15.73 9.15 -1.41
CA ARG A 57 16.71 9.76 -2.33
C ARG A 57 17.41 8.68 -3.16
N ALA A 58 17.41 7.45 -2.67
CA ALA A 58 18.06 6.35 -3.38
C ALA A 58 17.22 5.85 -4.55
N LEU A 59 15.92 6.19 -4.54
CA LEU A 59 15.03 5.75 -5.60
C LEU A 59 14.93 6.72 -6.76
N ARG A 60 14.58 6.18 -7.93
CA ARG A 60 14.41 6.97 -9.14
C ARG A 60 13.27 6.38 -9.96
N PRO A 61 12.03 6.49 -9.46
CA PRO A 61 10.86 5.95 -10.15
C PRO A 61 10.70 6.60 -11.53
N ARG A 62 10.29 5.81 -12.53
CA ARG A 62 10.09 6.34 -13.87
C ARG A 62 8.60 6.61 -14.08
N LYS A 63 7.78 6.05 -13.21
CA LYS A 63 6.33 6.22 -13.31
C LYS A 63 5.83 7.01 -12.10
N PRO A 64 4.68 7.69 -12.23
CA PRO A 64 4.14 8.47 -11.11
C PRO A 64 4.03 7.57 -9.88
N PHE A 65 4.56 8.02 -8.76
CA PHE A 65 4.53 7.22 -7.55
C PHE A 65 3.92 7.93 -6.35
N LEU A 66 3.57 7.14 -5.34
CA LEU A 66 2.99 7.66 -4.11
C LEU A 66 3.95 7.40 -2.97
N VAL A 67 3.90 8.25 -1.96
CA VAL A 67 4.75 8.07 -0.80
C VAL A 67 3.88 8.08 0.45
N GLY A 68 4.00 7.04 1.26
CA GLY A 68 3.22 6.97 2.48
C GLY A 68 3.80 7.89 3.53
N LEU A 69 2.93 8.59 4.26
CA LEU A 69 3.37 9.49 5.30
C LEU A 69 2.66 9.11 6.59
N MSE A 70 3.42 8.53 7.51
CA MSE A 70 2.85 8.11 8.78
C MSE A 70 3.59 8.76 9.94
O MSE A 70 4.63 8.28 10.38
CB MSE A 70 2.92 6.60 8.89
CG MSE A 70 2.37 5.92 7.66
SE MSE A 70 2.32 4.02 7.86
CE MSE A 70 1.99 3.58 6.01
N GLU A 71 3.04 9.87 10.42
CA GLU A 71 3.62 10.62 11.52
C GLU A 71 2.53 10.87 12.57
N GLU A 72 2.95 11.28 13.76
CA GLU A 72 2.04 11.53 14.86
C GLU A 72 1.67 13.01 14.98
N THR A 73 2.51 13.89 14.44
CA THR A 73 2.26 15.34 14.54
C THR A 73 2.62 16.10 13.28
N LEU A 74 2.12 17.33 13.17
CA LEU A 74 2.42 18.17 12.02
C LEU A 74 3.91 18.50 11.94
N PRO A 75 4.54 18.86 13.07
CA PRO A 75 5.97 19.17 12.99
C PRO A 75 6.78 18.00 12.41
N GLN A 76 6.44 16.78 12.82
CA GLN A 76 7.14 15.59 12.33
C GLN A 76 6.78 15.32 10.87
N ALA A 77 5.53 15.63 10.52
CA ALA A 77 5.04 15.42 9.16
C ALA A 77 5.67 16.36 8.15
N GLU A 78 5.96 17.60 8.57
CA GLU A 78 6.53 18.59 7.66
C GLU A 78 7.74 18.10 6.87
N GLY A 79 8.72 17.52 7.54
CA GLY A 79 9.90 17.04 6.85
C GLY A 79 9.59 15.91 5.87
N ALA A 80 8.73 14.99 6.29
CA ALA A 80 8.35 13.87 5.44
C ALA A 80 7.70 14.39 4.17
N LEU A 81 6.83 15.39 4.30
CA LEU A 81 6.15 15.96 3.15
C LEU A 81 7.13 16.66 2.22
N LEU A 82 8.03 17.47 2.77
CA LEU A 82 9.01 18.19 1.96
C LEU A 82 9.87 17.22 1.16
N GLU A 83 10.26 16.12 1.80
CA GLU A 83 11.09 15.10 1.18
C GLU A 83 10.34 14.43 0.01
N ALA A 84 9.08 14.10 0.24
CA ALA A 84 8.25 13.46 -0.78
C ALA A 84 8.07 14.39 -1.97
N LYS A 85 7.83 15.66 -1.70
CA LYS A 85 7.64 16.64 -2.76
C LYS A 85 8.90 16.81 -3.60
N ALA A 86 10.05 16.87 -2.93
CA ALA A 86 11.32 17.04 -3.61
C ALA A 86 11.66 15.82 -4.48
N ALA A 87 11.13 14.66 -4.09
CA ALA A 87 11.38 13.43 -4.83
C ALA A 87 10.51 13.35 -6.07
N GLY A 88 9.51 14.22 -6.14
CA GLY A 88 8.63 14.24 -7.30
C GLY A 88 7.41 13.36 -7.14
N ALA A 89 7.06 13.03 -5.89
CA ALA A 89 5.91 12.18 -5.62
C ALA A 89 4.63 12.81 -6.14
N MSE A 90 3.77 11.99 -6.75
CA MSE A 90 2.49 12.43 -7.30
C MSE A 90 1.54 12.85 -6.16
O MSE A 90 0.76 13.79 -6.31
CB MSE A 90 1.90 11.30 -8.13
CG MSE A 90 0.40 11.23 -8.14
SE MSE A 90 -0.16 9.75 -9.24
CE MSE A 90 0.51 8.30 -8.11
N ALA A 91 1.63 12.15 -5.04
CA ALA A 91 0.78 12.46 -3.90
C ALA A 91 1.23 11.66 -2.67
N LEU A 92 0.71 12.05 -1.52
CA LEU A 92 1.01 11.37 -0.26
C LEU A 92 -0.13 10.43 0.07
N LEU A 93 0.15 9.46 0.93
CA LEU A 93 -0.85 8.52 1.41
C LEU A 93 -0.63 8.65 2.90
N ALA A 94 -1.41 9.52 3.54
CA ALA A 94 -1.25 9.79 4.96
C ALA A 94 -2.26 9.14 5.91
N THR A 95 -1.73 8.56 6.98
CA THR A 95 -2.53 7.91 8.02
C THR A 95 -2.80 8.93 9.12
N PRO A 96 -3.83 8.69 9.94
CA PRO A 96 -4.13 9.62 11.03
C PRO A 96 -3.14 9.45 12.18
N PRO A 97 -2.99 10.48 13.03
CA PRO A 97 -2.06 10.34 14.16
C PRO A 97 -2.57 9.13 14.96
N ARG A 98 -1.70 8.41 15.64
CA ARG A 98 -2.11 7.19 16.36
C ARG A 98 -2.09 7.13 17.88
N TYR A 99 -0.90 7.31 18.45
CA TYR A 99 -0.71 7.19 19.89
C TYR A 99 -1.75 7.87 20.79
N TYR A 100 -2.04 9.14 20.54
CA TYR A 100 -3.03 9.86 21.37
C TYR A 100 -4.32 10.13 20.59
N HIS A 101 -4.59 9.29 19.60
CA HIS A 101 -5.77 9.44 18.76
C HIS A 101 -7.08 9.76 19.48
N GLY A 102 -7.28 9.16 20.65
CA GLY A 102 -8.50 9.42 21.39
C GLY A 102 -8.68 10.87 21.80
N SER A 103 -7.58 11.63 21.86
CA SER A 103 -7.64 13.03 22.25
C SER A 103 -7.55 13.98 21.06
N LEU A 104 -7.45 13.41 19.87
CA LEU A 104 -7.32 14.20 18.64
C LEU A 104 -8.53 15.12 18.35
N GLY A 105 -9.74 14.57 18.45
CA GLY A 105 -10.92 15.37 18.18
C GLY A 105 -10.92 15.93 16.77
N ALA A 106 -11.29 17.20 16.63
CA ALA A 106 -11.33 17.85 15.33
C ALA A 106 -9.93 18.04 14.77
N GLY A 107 -8.93 17.68 15.57
CA GLY A 107 -7.55 17.79 15.13
C GLY A 107 -7.27 16.87 13.95
N LEU A 108 -8.15 15.89 13.73
CA LEU A 108 -8.00 14.97 12.61
C LEU A 108 -8.13 15.75 11.31
N LEU A 109 -9.17 16.59 11.24
CA LEU A 109 -9.41 17.39 10.06
C LEU A 109 -8.29 18.43 9.90
N ARG A 110 -7.86 19.01 11.01
CA ARG A 110 -6.80 20.00 10.97
C ARG A 110 -5.53 19.39 10.42
N TYR A 111 -5.27 18.13 10.78
CA TYR A 111 -4.08 17.43 10.33
C TYR A 111 -4.06 17.30 8.80
N TYR A 112 -5.12 16.71 8.26
CA TYR A 112 -5.22 16.50 6.83
C TYR A 112 -5.30 17.80 6.01
N GLU A 113 -6.00 18.80 6.54
CA GLU A 113 -6.13 20.07 5.83
C GLU A 113 -4.78 20.77 5.77
N ALA A 114 -3.97 20.62 6.81
CA ALA A 114 -2.64 21.24 6.83
C ALA A 114 -1.77 20.59 5.76
N LEU A 115 -1.79 19.26 5.70
CA LEU A 115 -1.00 18.54 4.71
C LEU A 115 -1.49 18.81 3.28
N ALA A 116 -2.81 18.79 3.09
CA ALA A 116 -3.41 19.01 1.78
C ALA A 116 -3.14 20.41 1.27
N GLU A 117 -2.84 21.33 2.17
CA GLU A 117 -2.57 22.70 1.80
C GLU A 117 -1.23 22.76 1.08
N LYS A 118 -0.35 21.81 1.37
CA LYS A 118 1.00 21.78 0.78
C LYS A 118 1.19 20.72 -0.32
N MSE A 119 0.37 19.67 -0.31
CA MSE A 119 0.55 18.63 -1.30
C MSE A 119 -0.69 17.77 -1.45
O MSE A 119 -1.44 17.58 -0.51
CB MSE A 119 1.72 17.72 -0.90
CG MSE A 119 2.70 17.43 -2.00
SE MSE A 119 3.95 16.15 -1.31
CE MSE A 119 3.74 14.82 -2.71
N PRO A 120 -0.89 17.22 -2.65
CA PRO A 120 -2.05 16.36 -2.90
C PRO A 120 -1.85 15.09 -2.10
N LEU A 121 -2.94 14.53 -1.60
CA LEU A 121 -2.84 13.31 -0.83
C LEU A 121 -4.07 12.42 -0.85
N PHE A 122 -3.85 11.17 -0.48
CA PHE A 122 -4.91 10.17 -0.39
C PHE A 122 -4.99 9.89 1.11
N LEU A 123 -6.20 9.68 1.62
CA LEU A 123 -6.36 9.35 3.03
C LEU A 123 -5.92 7.88 3.10
N TYR A 124 -5.29 7.50 4.21
CA TYR A 124 -4.80 6.14 4.36
C TYR A 124 -5.45 5.46 5.55
N HIS A 125 -6.39 4.56 5.27
CA HIS A 125 -7.09 3.83 6.32
C HIS A 125 -6.61 2.39 6.34
N VAL A 126 -5.73 2.08 7.29
CA VAL A 126 -5.19 0.73 7.43
C VAL A 126 -5.16 0.40 8.93
N PRO A 127 -6.36 0.29 9.55
CA PRO A 127 -6.56 0.00 10.97
C PRO A 127 -5.87 -1.24 11.54
N GLN A 128 -5.64 -2.24 10.70
CA GLN A 128 -4.99 -3.45 11.17
C GLN A 128 -3.62 -3.11 11.77
N ASN A 129 -2.98 -2.09 11.22
CA ASN A 129 -1.67 -1.65 11.71
C ASN A 129 -1.73 -0.39 12.57
N THR A 130 -2.43 0.64 12.09
CA THR A 130 -2.52 1.90 12.85
C THR A 130 -3.40 1.73 14.08
N LYS A 131 -4.33 0.78 14.02
CA LYS A 131 -5.21 0.50 15.13
C LYS A 131 -6.09 1.68 15.57
N VAL A 132 -6.39 2.57 14.63
CA VAL A 132 -7.27 3.71 14.91
C VAL A 132 -8.24 3.83 13.74
N ASP A 133 -9.40 4.41 14.02
CA ASP A 133 -10.42 4.56 13.00
C ASP A 133 -10.30 5.88 12.24
N LEU A 134 -10.93 5.91 11.06
CA LEU A 134 -10.99 7.11 10.22
C LEU A 134 -12.47 7.13 9.86
N PRO A 135 -13.30 7.73 10.72
CA PRO A 135 -14.74 7.83 10.53
C PRO A 135 -15.17 8.25 9.14
N LEU A 136 -16.23 7.64 8.64
CA LEU A 136 -16.74 7.98 7.33
C LEU A 136 -17.18 9.45 7.33
N GLU A 137 -17.60 9.93 8.50
CA GLU A 137 -18.02 11.33 8.63
C GLU A 137 -16.83 12.23 8.29
N ALA A 138 -15.65 11.86 8.79
CA ALA A 138 -14.45 12.64 8.53
C ALA A 138 -14.07 12.55 7.05
N VAL A 139 -14.18 11.37 6.48
CA VAL A 139 -13.85 11.20 5.06
C VAL A 139 -14.76 12.09 4.21
N GLU A 140 -16.04 12.15 4.55
CA GLU A 140 -16.98 12.97 3.80
C GLU A 140 -16.69 14.47 3.96
N ALA A 141 -16.22 14.86 5.14
CA ALA A 141 -15.89 16.27 5.38
C ALA A 141 -14.65 16.66 4.61
N LEU A 142 -13.71 15.73 4.45
CA LEU A 142 -12.46 16.00 3.75
C LEU A 142 -12.56 15.85 2.24
N ALA A 143 -13.49 15.02 1.79
CA ALA A 143 -13.68 14.75 0.37
C ALA A 143 -13.82 15.98 -0.53
N PRO A 144 -14.47 17.05 -0.06
CA PRO A 144 -14.58 18.21 -0.97
C PRO A 144 -13.25 18.93 -1.30
N HIS A 145 -12.27 18.81 -0.41
CA HIS A 145 -10.98 19.47 -0.59
C HIS A 145 -10.28 19.05 -1.89
N PRO A 146 -9.94 20.01 -2.76
CA PRO A 146 -9.27 19.75 -4.04
C PRO A 146 -8.03 18.86 -3.97
N ASN A 147 -7.24 19.00 -2.91
CA ASN A 147 -6.01 18.21 -2.77
C ASN A 147 -6.15 16.87 -2.05
N VAL A 148 -7.37 16.52 -1.66
CA VAL A 148 -7.61 15.22 -1.03
C VAL A 148 -8.16 14.39 -2.19
N LEU A 149 -7.25 13.79 -2.95
CA LEU A 149 -7.62 13.02 -4.14
C LEU A 149 -8.54 11.82 -3.94
N GLY A 150 -8.40 11.16 -2.80
CA GLY A 150 -9.24 9.99 -2.54
C GLY A 150 -8.77 9.27 -1.30
N ILE A 151 -8.90 7.96 -1.30
CA ILE A 151 -8.50 7.19 -0.14
C ILE A 151 -8.07 5.77 -0.47
N LYS A 152 -7.06 5.28 0.27
CA LYS A 152 -6.64 3.91 0.11
C LYS A 152 -7.22 3.28 1.38
N ASP A 153 -8.13 2.33 1.21
CA ASP A 153 -8.78 1.68 2.33
C ASP A 153 -8.34 0.21 2.36
N SER A 154 -7.55 -0.15 3.37
CA SER A 154 -7.05 -1.51 3.51
C SER A 154 -7.83 -2.34 4.53
N SER A 155 -8.87 -1.74 5.12
CA SER A 155 -9.66 -2.42 6.15
C SER A 155 -10.35 -3.72 5.76
N GLY A 156 -10.76 -3.84 4.50
CA GLY A 156 -11.46 -5.05 4.10
C GLY A 156 -12.92 -4.93 4.49
N ASP A 157 -13.33 -3.75 4.95
CA ASP A 157 -14.72 -3.52 5.33
C ASP A 157 -15.36 -2.85 4.11
N LEU A 158 -15.99 -3.66 3.26
CA LEU A 158 -16.59 -3.13 2.05
C LEU A 158 -17.82 -2.24 2.24
N SER A 159 -18.29 -2.12 3.48
CA SER A 159 -19.41 -1.23 3.76
C SER A 159 -18.87 0.18 3.53
N ARG A 160 -17.60 0.38 3.87
CA ARG A 160 -16.95 1.68 3.69
C ARG A 160 -16.80 1.97 2.20
N ILE A 161 -16.38 0.98 1.43
CA ILE A 161 -16.21 1.14 -0.01
C ILE A 161 -17.55 1.49 -0.64
N ALA A 162 -18.61 0.79 -0.23
CA ALA A 162 -19.95 1.03 -0.75
C ALA A 162 -20.39 2.45 -0.43
N PHE A 163 -20.00 2.93 0.75
CA PHE A 163 -20.33 4.28 1.17
C PHE A 163 -19.69 5.31 0.23
N TYR A 164 -18.38 5.17 -0.01
CA TYR A 164 -17.69 6.11 -0.89
C TYR A 164 -18.39 6.14 -2.25
N GLN A 165 -18.75 4.95 -2.75
CA GLN A 165 -19.39 4.80 -4.04
C GLN A 165 -20.74 5.50 -4.14
N ALA A 166 -21.56 5.35 -3.10
CA ALA A 166 -22.89 5.95 -3.11
C ALA A 166 -22.94 7.44 -2.74
N ARG A 167 -22.02 7.89 -1.88
CA ARG A 167 -22.05 9.28 -1.44
C ARG A 167 -20.95 10.22 -1.90
N LEU A 168 -19.83 9.71 -2.35
CA LEU A 168 -18.73 10.60 -2.72
C LEU A 168 -18.34 10.66 -4.19
N GLN A 169 -18.31 11.87 -4.74
CA GLN A 169 -17.90 12.09 -6.12
C GLN A 169 -16.55 12.79 -6.06
N GLU A 170 -15.82 12.81 -7.18
CA GLU A 170 -14.50 13.42 -7.20
C GLU A 170 -13.69 12.83 -6.05
N PHE A 171 -13.84 11.52 -5.84
CA PHE A 171 -13.12 10.85 -4.76
C PHE A 171 -12.69 9.46 -5.23
N ARG A 172 -11.40 9.33 -5.49
CA ARG A 172 -10.83 8.09 -6.00
C ARG A 172 -10.55 7.08 -4.91
N VAL A 173 -11.22 5.94 -5.02
CA VAL A 173 -11.09 4.88 -4.04
C VAL A 173 -10.18 3.74 -4.46
N TYR A 174 -9.19 3.46 -3.62
CA TYR A 174 -8.26 2.37 -3.85
C TYR A 174 -8.36 1.41 -2.67
N THR A 175 -8.48 0.12 -2.95
CA THR A 175 -8.55 -0.84 -1.87
C THR A 175 -7.17 -1.44 -1.67
N GLY A 176 -6.83 -1.71 -0.42
CA GLY A 176 -5.53 -2.31 -0.13
C GLY A 176 -5.73 -3.73 0.35
N HIS A 177 -6.95 -4.24 0.21
CA HIS A 177 -7.29 -5.59 0.65
C HIS A 177 -7.46 -6.57 -0.53
N ALA A 178 -6.46 -7.43 -0.72
CA ALA A 178 -6.47 -8.39 -1.82
C ALA A 178 -7.56 -9.46 -1.83
N PRO A 179 -7.84 -10.10 -0.69
CA PRO A 179 -8.87 -11.15 -0.64
C PRO A 179 -10.28 -10.77 -1.12
N THR A 180 -10.64 -9.49 -1.04
CA THR A 180 -11.98 -9.05 -1.47
C THR A 180 -11.91 -8.14 -2.68
N PHE A 181 -10.79 -8.18 -3.39
CA PHE A 181 -10.57 -7.31 -4.54
C PHE A 181 -11.74 -7.18 -5.52
N LEU A 182 -12.25 -8.31 -6.03
CA LEU A 182 -13.34 -8.23 -6.98
C LEU A 182 -14.57 -7.57 -6.35
N GLY A 183 -14.78 -7.81 -5.06
CA GLY A 183 -15.91 -7.21 -4.38
C GLY A 183 -15.78 -5.70 -4.32
N ALA A 184 -14.56 -5.23 -4.07
CA ALA A 184 -14.29 -3.79 -3.99
C ALA A 184 -14.53 -3.15 -5.36
N LEU A 185 -14.08 -3.84 -6.41
CA LEU A 185 -14.25 -3.33 -7.78
C LEU A 185 -15.73 -3.19 -8.10
N ALA A 186 -16.52 -4.19 -7.70
CA ALA A 186 -17.94 -4.16 -7.95
C ALA A 186 -18.54 -2.95 -7.24
N LEU A 187 -17.95 -2.62 -6.09
CA LEU A 187 -18.42 -1.49 -5.30
C LEU A 187 -17.73 -0.15 -5.63
N GLY A 188 -17.21 -0.04 -6.85
CA GLY A 188 -16.62 1.21 -7.29
C GLY A 188 -15.15 1.58 -7.13
N ALA A 189 -14.35 0.72 -6.52
CA ALA A 189 -12.92 1.05 -6.35
C ALA A 189 -12.27 1.27 -7.71
N GLU A 190 -11.40 2.27 -7.79
CA GLU A 190 -10.69 2.59 -9.02
C GLU A 190 -9.63 1.53 -9.29
N GLY A 191 -9.12 0.93 -8.22
CA GLY A 191 -8.11 -0.10 -8.37
C GLY A 191 -7.62 -0.61 -7.05
N GLY A 192 -6.43 -1.20 -7.05
CA GLY A 192 -5.88 -1.73 -5.83
C GLY A 192 -4.40 -1.48 -5.64
N ILE A 193 -4.03 -1.17 -4.40
CA ILE A 193 -2.64 -0.97 -4.02
C ILE A 193 -2.48 -2.15 -3.08
N LEU A 194 -1.99 -3.26 -3.66
CA LEU A 194 -1.88 -4.52 -2.95
C LEU A 194 -0.49 -5.10 -2.78
N ALA A 195 -0.21 -5.56 -1.57
CA ALA A 195 1.07 -6.18 -1.28
C ALA A 195 1.26 -7.39 -2.20
N ALA A 196 0.15 -8.06 -2.52
CA ALA A 196 0.19 -9.23 -3.39
C ALA A 196 0.61 -8.87 -4.81
N ALA A 197 0.49 -7.58 -5.15
CA ALA A 197 0.88 -7.12 -6.48
C ALA A 197 2.40 -7.08 -6.61
N ASN A 198 3.10 -7.28 -5.50
CA ASN A 198 4.57 -7.32 -5.53
C ASN A 198 4.96 -8.68 -6.11
N LEU A 199 4.06 -9.65 -5.99
CA LEU A 199 4.32 -11.00 -6.46
C LEU A 199 3.65 -11.38 -7.78
N ALA A 200 2.38 -11.02 -7.94
CA ALA A 200 1.65 -11.34 -9.16
C ALA A 200 0.97 -10.09 -9.72
N PRO A 201 1.75 -9.04 -10.01
CA PRO A 201 1.19 -7.79 -10.55
C PRO A 201 0.34 -7.95 -11.81
N ARG A 202 0.76 -8.83 -12.72
CA ARG A 202 0.01 -9.05 -13.95
C ARG A 202 -1.34 -9.72 -13.70
N ALA A 203 -1.41 -10.55 -12.66
CA ALA A 203 -2.66 -11.24 -12.36
C ALA A 203 -3.74 -10.28 -11.86
N TYR A 204 -3.37 -9.40 -10.92
CA TYR A 204 -4.33 -8.44 -10.40
C TYR A 204 -4.75 -7.46 -11.49
N ARG A 205 -3.84 -7.18 -12.41
CA ARG A 205 -4.12 -6.27 -13.52
C ARG A 205 -5.17 -6.94 -14.43
N ALA A 206 -4.98 -8.23 -14.67
CA ALA A 206 -5.89 -9.01 -15.50
C ALA A 206 -7.28 -9.06 -14.88
N LEU A 207 -7.33 -9.21 -13.56
CA LEU A 207 -8.60 -9.28 -12.85
C LEU A 207 -9.32 -7.96 -13.00
N LEU A 208 -8.59 -6.87 -12.83
CA LEU A 208 -9.14 -5.53 -12.97
C LEU A 208 -9.67 -5.36 -14.40
N ASP A 209 -8.89 -5.80 -15.38
CA ASP A 209 -9.29 -5.69 -16.79
C ASP A 209 -10.56 -6.48 -17.08
N HIS A 210 -10.62 -7.71 -16.60
CA HIS A 210 -11.80 -8.55 -16.80
C HIS A 210 -13.05 -7.81 -16.29
N PHE A 211 -12.95 -7.24 -15.11
CA PHE A 211 -14.09 -6.54 -14.53
C PHE A 211 -14.46 -5.33 -15.38
N ARG A 212 -13.48 -4.48 -15.68
CA ARG A 212 -13.73 -3.30 -16.51
C ARG A 212 -14.37 -3.63 -17.85
N GLU A 213 -13.99 -4.77 -18.43
CA GLU A 213 -14.52 -5.17 -19.72
C GLU A 213 -15.82 -5.96 -19.64
N GLY A 214 -16.32 -6.16 -18.42
CA GLY A 214 -17.56 -6.89 -18.26
C GLY A 214 -17.44 -8.41 -18.31
N ARG A 215 -16.22 -8.93 -18.32
CA ARG A 215 -16.02 -10.38 -18.35
C ARG A 215 -16.09 -10.89 -16.91
N LEU A 216 -17.29 -10.80 -16.32
CA LEU A 216 -17.53 -11.21 -14.95
C LEU A 216 -17.16 -12.64 -14.58
N ALA A 217 -17.52 -13.60 -15.42
CA ALA A 217 -17.19 -15.00 -15.14
C ALA A 217 -15.69 -15.18 -15.05
N GLU A 218 -14.96 -14.57 -15.97
CA GLU A 218 -13.50 -14.66 -15.97
C GLU A 218 -12.92 -13.96 -14.75
N ALA A 219 -13.55 -12.86 -14.36
CA ALA A 219 -13.09 -12.09 -13.20
C ALA A 219 -13.24 -12.94 -11.94
N GLN A 220 -14.41 -13.58 -11.78
CA GLN A 220 -14.65 -14.41 -10.62
C GLN A 220 -13.67 -15.58 -10.52
N GLU A 221 -13.35 -16.21 -11.65
CA GLU A 221 -12.42 -17.33 -11.62
C GLU A 221 -11.02 -16.87 -11.21
N LEU A 222 -10.61 -15.70 -11.68
CA LEU A 222 -9.29 -15.19 -11.32
C LEU A 222 -9.28 -14.76 -9.86
N GLN A 223 -10.40 -14.20 -9.40
CA GLN A 223 -10.54 -13.77 -8.01
C GLN A 223 -10.39 -14.99 -7.09
N LYS A 224 -11.00 -16.10 -7.48
CA LYS A 224 -10.92 -17.32 -6.70
C LYS A 224 -9.50 -17.88 -6.73
N LYS A 225 -8.86 -17.81 -7.90
CA LYS A 225 -7.50 -18.30 -8.07
C LYS A 225 -6.50 -17.53 -7.21
N LEU A 226 -6.70 -16.22 -7.11
CA LEU A 226 -5.80 -15.37 -6.33
C LEU A 226 -6.14 -15.27 -4.84
N PHE A 227 -7.30 -15.76 -4.44
CA PHE A 227 -7.70 -15.67 -3.04
C PHE A 227 -6.66 -16.25 -2.04
N PRO A 228 -6.21 -17.50 -2.26
CA PRO A 228 -5.23 -18.09 -1.34
C PRO A 228 -3.96 -17.26 -1.18
N LEU A 229 -3.46 -16.72 -2.29
CA LEU A 229 -2.25 -15.90 -2.27
C LEU A 229 -2.48 -14.65 -1.42
N GLY A 230 -3.57 -13.93 -1.68
CA GLY A 230 -3.87 -12.73 -0.93
C GLY A 230 -4.21 -12.98 0.53
N ASP A 231 -4.92 -14.06 0.79
CA ASP A 231 -5.33 -14.43 2.15
C ASP A 231 -4.14 -14.79 3.02
N LEU A 232 -3.26 -15.66 2.51
CA LEU A 232 -2.09 -16.06 3.27
C LEU A 232 -1.10 -14.92 3.46
N LEU A 233 -0.92 -14.11 2.43
CA LEU A 233 0.01 -12.98 2.53
C LEU A 233 -0.45 -12.00 3.60
N ALA A 234 -1.75 -11.79 3.70
CA ALA A 234 -2.29 -10.87 4.70
C ALA A 234 -1.98 -11.40 6.10
N LYS A 235 -2.02 -12.72 6.25
CA LYS A 235 -1.74 -13.35 7.54
C LYS A 235 -0.24 -13.30 7.85
N GLY A 236 0.58 -13.44 6.81
CA GLY A 236 2.02 -13.44 7.00
C GLY A 236 2.66 -12.06 7.13
N GLY A 237 1.96 -11.03 6.67
CA GLY A 237 2.49 -9.68 6.78
C GLY A 237 3.83 -9.44 6.09
N VAL A 238 4.59 -8.47 6.60
CA VAL A 238 5.87 -8.12 6.02
C VAL A 238 6.91 -9.25 5.95
N PRO A 239 7.04 -10.06 7.03
CA PRO A 239 8.02 -11.14 6.96
C PRO A 239 7.74 -12.10 5.80
N LEU A 240 6.47 -12.43 5.58
CA LEU A 240 6.12 -13.35 4.50
C LEU A 240 6.35 -12.70 3.14
N LEU A 241 6.00 -11.43 3.03
CA LEU A 241 6.19 -10.70 1.77
C LEU A 241 7.65 -10.66 1.36
N LYS A 242 8.53 -10.31 2.29
CA LYS A 242 9.95 -10.23 2.00
C LYS A 242 10.55 -11.60 1.70
N GLN A 243 10.15 -12.61 2.46
CA GLN A 243 10.67 -13.95 2.24
C GLN A 243 10.27 -14.45 0.85
N ALA A 244 9.06 -14.10 0.42
CA ALA A 244 8.56 -14.50 -0.90
C ALA A 244 9.38 -13.82 -1.99
N LEU A 245 9.61 -12.52 -1.82
CA LEU A 245 10.39 -11.78 -2.82
C LEU A 245 11.81 -12.32 -2.89
N ARG A 246 12.42 -12.61 -1.73
CA ARG A 246 13.78 -13.16 -1.72
C ARG A 246 13.77 -14.50 -2.45
N HIS A 247 12.74 -15.30 -2.19
CA HIS A 247 12.62 -16.61 -2.82
C HIS A 247 12.57 -16.50 -4.34
N LEU A 248 11.94 -15.44 -4.84
CA LEU A 248 11.83 -15.22 -6.28
C LEU A 248 13.09 -14.54 -6.82
N GLY A 249 14.08 -14.35 -5.98
CA GLY A 249 15.33 -13.74 -6.42
C GLY A 249 15.43 -12.22 -6.35
N LEU A 250 14.41 -11.54 -5.82
CA LEU A 250 14.49 -10.08 -5.73
C LEU A 250 15.10 -9.66 -4.40
N PRO A 251 15.85 -8.54 -4.39
CA PRO A 251 16.51 -8.01 -3.18
C PRO A 251 15.60 -7.31 -2.16
N ALA A 252 14.60 -8.02 -1.65
CA ALA A 252 13.67 -7.45 -0.70
C ALA A 252 14.26 -7.29 0.71
N GLY A 253 15.34 -8.01 0.98
CA GLY A 253 15.95 -7.92 2.29
C GLY A 253 15.13 -8.59 3.38
N TYR A 254 15.36 -8.16 4.63
CA TYR A 254 14.68 -8.74 5.79
C TYR A 254 13.98 -7.70 6.65
N PRO A 255 13.00 -8.14 7.45
CA PRO A 255 12.28 -7.20 8.32
C PRO A 255 13.30 -6.69 9.35
N ARG A 256 13.12 -5.46 9.82
CA ARG A 256 14.07 -4.92 10.78
C ARG A 256 13.88 -5.59 12.15
N PRO A 257 14.98 -6.04 12.79
CA PRO A 257 14.88 -6.69 14.10
C PRO A 257 14.06 -5.79 15.02
N PRO A 258 13.34 -6.39 16.00
CA PRO A 258 13.22 -7.81 16.35
C PRO A 258 12.31 -8.69 15.50
N TYR A 259 11.82 -8.18 14.38
CA TYR A 259 10.94 -9.01 13.55
C TYR A 259 11.72 -10.16 12.89
N PRO A 260 11.05 -11.32 12.72
CA PRO A 260 11.63 -12.53 12.13
C PRO A 260 12.03 -12.46 10.66
N ALA A 261 13.19 -13.05 10.36
CA ALA A 261 13.72 -13.09 9.00
C ALA A 261 12.87 -14.01 8.12
N GLU A 262 12.22 -14.98 8.75
CA GLU A 262 11.38 -15.92 8.02
C GLU A 262 9.99 -16.01 8.66
N SER A 263 8.98 -16.25 7.83
CA SER A 263 7.60 -16.35 8.28
C SER A 263 7.17 -17.77 8.64
N PRO A 264 6.39 -17.92 9.72
CA PRO A 264 5.90 -19.23 10.17
C PRO A 264 4.93 -19.82 9.13
N LEU A 265 4.48 -18.99 8.19
CA LEU A 265 3.55 -19.45 7.17
C LEU A 265 4.23 -19.84 5.86
N TRP A 266 5.56 -19.80 5.83
CA TRP A 266 6.28 -20.13 4.60
C TRP A 266 5.92 -21.48 4.01
N GLU A 267 5.88 -22.52 4.85
CA GLU A 267 5.57 -23.85 4.38
C GLU A 267 4.22 -23.93 3.67
N ARG A 268 3.24 -23.16 4.15
CA ARG A 268 1.92 -23.16 3.53
C ARG A 268 1.91 -22.25 2.29
N PHE A 269 2.69 -21.18 2.34
CA PHE A 269 2.73 -20.23 1.24
C PHE A 269 3.52 -20.71 0.02
N LEU A 270 4.65 -21.37 0.26
CA LEU A 270 5.51 -21.87 -0.81
C LEU A 270 4.75 -22.52 -1.97
N PRO A 271 3.98 -23.58 -1.70
CA PRO A 271 3.25 -24.23 -2.79
C PRO A 271 2.24 -23.31 -3.49
N VAL A 272 1.66 -22.37 -2.76
CA VAL A 272 0.71 -21.45 -3.34
C VAL A 272 1.44 -20.56 -4.35
N LEU A 273 2.57 -20.01 -3.93
CA LEU A 273 3.37 -19.14 -4.80
C LEU A 273 3.90 -19.90 -6.01
N GLU A 274 4.49 -21.07 -5.76
CA GLU A 274 5.03 -21.89 -6.84
C GLU A 274 3.95 -22.30 -7.83
N GLY A 275 2.75 -22.55 -7.33
CA GLY A 275 1.64 -22.93 -8.20
C GLY A 275 1.30 -21.81 -9.17
N LEU A 276 1.19 -20.59 -8.66
CA LEU A 276 0.88 -19.45 -9.51
C LEU A 276 2.03 -19.19 -10.46
N LYS A 277 3.26 -19.43 -10.00
CA LYS A 277 4.41 -19.20 -10.86
C LYS A 277 4.40 -20.17 -12.03
N GLU A 278 4.03 -21.42 -11.77
CA GLU A 278 3.98 -22.44 -12.81
C GLU A 278 2.89 -22.09 -13.83
N GLU A 279 1.84 -21.42 -13.37
CA GLU A 279 0.74 -21.01 -14.25
C GLU A 279 1.13 -19.79 -15.07
N GLY A 280 2.26 -19.17 -14.71
CA GLY A 280 2.73 -17.99 -15.42
C GLY A 280 2.20 -16.66 -14.92
N TRP A 281 1.68 -16.64 -13.70
CA TRP A 281 1.13 -15.42 -13.12
C TRP A 281 2.07 -14.61 -12.22
N VAL A 282 3.26 -15.14 -11.94
CA VAL A 282 4.20 -14.45 -11.07
C VAL A 282 5.17 -13.51 -11.78
N LEU A 283 5.37 -12.33 -11.20
CA LEU A 283 6.25 -11.31 -11.75
C LEU A 283 6.17 -11.19 -13.27
K K B . -11.47 15.87 -3.81
C1 GOL C . -2.13 -17.66 -17.03
O1 GOL C . -2.62 -18.85 -17.58
C2 GOL C . -1.21 -16.96 -18.02
O2 GOL C . -1.90 -16.68 -19.21
C3 GOL C . -0.71 -15.69 -17.35
O3 GOL C . 0.18 -14.97 -18.16
C1 GOL D . 16.35 -17.39 3.36
O1 GOL D . 15.67 -16.69 4.36
C2 GOL D . 17.50 -16.57 2.81
O2 GOL D . 17.21 -15.20 2.92
C3 GOL D . 18.76 -16.95 3.55
O3 GOL D . 19.91 -16.41 2.94
#